data_3CFX
#
_entry.id   3CFX
#
_cell.length_a   115.500
_cell.length_b   51.860
_cell.length_c   124.048
_cell.angle_alpha   90.00
_cell.angle_beta   116.93
_cell.angle_gamma   90.00
#
_symmetry.space_group_name_H-M   'C 1 2 1'
#
loop_
_entity.id
_entity.type
_entity.pdbx_description
1 polymer 'UPF0100 protein MA_0280'
2 non-polymer 'MAGNESIUM ION'
3 non-polymer TUNGSTATE(VI)ION
4 non-polymer GLYCEROL
5 water water
#
_entity_poly.entity_id   1
_entity_poly.type   'polypeptide(L)'
_entity_poly.pdbx_seq_one_letter_code
;GHMGEVLTVFHAGSLSVPFEELEAEFEAQHPGVDVQREAAGSAQSVRKITELGKKADVLASADYALIPSLMVPEYADWYA
AFARNQMILAYTNESKYGDEINTDNWYEILRRPDVRYGFSNPNDDPAGYRSQMVTQLAESYYNDDMIYDDLMLANTGMTL
TTEENGTALIHVPASEEISPNTSKIMLRSMEVELSSALETGEIDYLYIYRSVAEQHGFEYVALPPAIDLSSLEYADNYSK
VQVEMVNGEVVTGSPIVYGVTIPNNAENSELATEFVALLLGETGQQIFIENGQPPI
;
_entity_poly.pdbx_strand_id   A,B
#
loop_
_chem_comp.id
_chem_comp.type
_chem_comp.name
_chem_comp.formula
GOL non-polymer GLYCEROL 'C3 H8 O3'
MG non-polymer 'MAGNESIUM ION' 'Mg 2'
WO4 non-polymer TUNGSTATE(VI)ION 'O4 W -2'
#
# COMPACT_ATOMS: atom_id res chain seq x y z
N GLY A 4 21.93 29.14 -7.77
CA GLY A 4 21.37 28.49 -6.54
C GLY A 4 20.47 27.33 -6.87
N GLU A 5 20.54 26.27 -6.08
CA GLU A 5 19.70 25.10 -6.30
C GLU A 5 18.30 25.26 -5.73
N VAL A 6 17.34 24.63 -6.39
CA VAL A 6 15.94 24.70 -5.97
C VAL A 6 15.34 23.31 -5.87
N LEU A 7 14.62 23.06 -4.77
CA LEU A 7 13.94 21.79 -4.56
C LEU A 7 12.45 22.09 -4.68
N THR A 8 11.82 21.57 -5.73
CA THR A 8 10.39 21.81 -5.94
C THR A 8 9.57 20.68 -5.31
N VAL A 9 8.71 21.06 -4.37
CA VAL A 9 7.88 20.10 -3.66
C VAL A 9 6.37 20.32 -3.90
N PHE A 10 5.69 19.32 -4.42
CA PHE A 10 4.23 19.40 -4.64
C PHE A 10 3.60 18.62 -3.50
N HIS A 11 2.68 19.23 -2.77
CA HIS A 11 2.06 18.52 -1.65
C HIS A 11 0.59 18.81 -1.43
N ALA A 12 -0.06 17.85 -0.79
CA ALA A 12 -1.47 17.92 -0.42
C ALA A 12 -1.68 19.18 0.40
N GLY A 13 -2.87 19.76 0.32
CA GLY A 13 -3.16 20.94 1.10
C GLY A 13 -2.99 20.75 2.61
N SER A 14 -3.41 19.58 3.12
CA SER A 14 -3.32 19.33 4.55
C SER A 14 -1.89 19.25 5.08
N LEU A 15 -0.92 19.11 4.17
CA LEU A 15 0.47 19.05 4.59
C LEU A 15 1.13 20.41 4.69
N SER A 16 0.39 21.46 4.33
CA SER A 16 0.94 22.81 4.36
C SER A 16 1.68 23.22 5.63
N VAL A 17 1.07 23.07 6.81
CA VAL A 17 1.74 23.47 8.04
C VAL A 17 2.99 22.62 8.34
N PRO A 18 2.86 21.29 8.38
CA PRO A 18 4.07 20.51 8.67
C PRO A 18 5.15 20.65 7.60
N PHE A 19 4.76 20.79 6.33
CA PHE A 19 5.75 20.93 5.28
C PHE A 19 6.44 22.28 5.34
N GLU A 20 5.76 23.28 5.87
CA GLU A 20 6.34 24.61 6.00
C GLU A 20 7.51 24.46 6.99
N GLU A 21 7.29 23.68 8.04
CA GLU A 21 8.33 23.44 9.04
C GLU A 21 9.48 22.63 8.46
N LEU A 22 9.16 21.66 7.59
CA LEU A 22 10.21 20.86 6.98
C LEU A 22 11.05 21.75 6.05
N GLU A 23 10.39 22.63 5.32
CA GLU A 23 11.11 23.54 4.42
C GLU A 23 12.08 24.39 5.22
N ALA A 24 11.59 24.94 6.34
CA ALA A 24 12.41 25.77 7.20
C ALA A 24 13.64 25.02 7.73
N GLU A 25 13.42 23.81 8.24
CA GLU A 25 14.51 23.02 8.79
C GLU A 25 15.49 22.57 7.72
N PHE A 26 14.98 22.20 6.54
CA PHE A 26 15.81 21.76 5.44
C PHE A 26 16.68 22.91 4.93
N GLU A 27 16.09 24.09 4.81
CA GLU A 27 16.82 25.26 4.33
C GLU A 27 17.89 25.67 5.35
N ALA A 28 17.62 25.43 6.62
CA ALA A 28 18.59 25.77 7.67
C ALA A 28 19.78 24.82 7.58
N GLN A 29 19.50 23.56 7.22
CA GLN A 29 20.53 22.55 7.10
C GLN A 29 21.24 22.61 5.75
N HIS A 30 20.62 23.29 4.79
CA HIS A 30 21.21 23.42 3.47
C HIS A 30 21.18 24.88 3.01
N PRO A 31 22.13 25.70 3.52
CA PRO A 31 22.19 27.11 3.14
C PRO A 31 22.31 27.27 1.63
N GLY A 32 21.61 28.25 1.07
CA GLY A 32 21.67 28.46 -0.36
C GLY A 32 20.61 27.71 -1.14
N VAL A 33 20.11 26.62 -0.57
CA VAL A 33 19.07 25.84 -1.24
C VAL A 33 17.71 26.41 -0.89
N ASP A 34 16.87 26.60 -1.91
CA ASP A 34 15.54 27.13 -1.72
C ASP A 34 14.47 26.07 -1.97
N VAL A 35 13.82 25.62 -0.91
CA VAL A 35 12.74 24.64 -1.04
C VAL A 35 11.53 25.46 -1.47
N GLN A 36 10.96 25.13 -2.62
CA GLN A 36 9.79 25.85 -3.13
C GLN A 36 8.57 24.94 -3.18
N ARG A 37 7.65 25.17 -2.26
CA ARG A 37 6.44 24.36 -2.16
C ARG A 37 5.25 24.86 -2.96
N GLU A 38 4.46 23.92 -3.46
CA GLU A 38 3.24 24.22 -4.22
C GLU A 38 2.17 23.27 -3.71
N ALA A 39 1.07 23.81 -3.19
CA ALA A 39 0.00 22.98 -2.67
C ALA A 39 -1.20 22.87 -3.60
N ALA A 40 -1.88 21.72 -3.53
CA ALA A 40 -3.08 21.46 -4.31
C ALA A 40 -3.67 20.17 -3.77
N GLY A 41 -4.96 19.93 -4.03
CA GLY A 41 -5.59 18.71 -3.56
C GLY A 41 -4.71 17.60 -4.11
N SER A 42 -4.51 16.51 -3.37
CA SER A 42 -3.59 15.46 -3.84
C SER A 42 -3.77 14.92 -5.25
N ALA A 43 -5.01 14.68 -5.67
CA ALA A 43 -5.22 14.16 -7.01
C ALA A 43 -4.77 15.21 -8.03
N GLN A 44 -5.07 16.47 -7.75
CA GLN A 44 -4.66 17.56 -8.65
C GLN A 44 -3.13 17.74 -8.59
N SER A 45 -2.52 17.52 -7.42
CA SER A 45 -1.07 17.67 -7.31
C SER A 45 -0.42 16.63 -8.20
N VAL A 46 -0.97 15.42 -8.18
CA VAL A 46 -0.43 14.36 -9.02
C VAL A 46 -0.63 14.67 -10.50
N ARG A 47 -1.83 15.13 -10.86
CA ARG A 47 -2.10 15.44 -12.27
C ARG A 47 -1.23 16.57 -12.81
N LYS A 48 -0.74 17.46 -11.93
CA LYS A 48 0.15 18.53 -12.41
C LYS A 48 1.34 17.85 -13.08
N ILE A 49 1.76 16.74 -12.49
CA ILE A 49 2.90 15.97 -12.99
C ILE A 49 2.56 15.01 -14.12
N THR A 50 1.48 14.24 -13.94
CA THR A 50 1.08 13.23 -14.92
C THR A 50 0.26 13.68 -16.11
N GLU A 51 -0.31 14.88 -16.05
CA GLU A 51 -1.14 15.38 -17.13
C GLU A 51 -0.78 16.77 -17.63
N LEU A 52 -0.32 17.63 -16.73
CA LEU A 52 -0.02 19.02 -17.09
C LEU A 52 1.43 19.37 -17.37
N GLY A 53 2.29 18.36 -17.41
CA GLY A 53 3.70 18.58 -17.72
C GLY A 53 4.54 19.36 -16.73
N LYS A 54 4.10 19.50 -15.49
CA LYS A 54 4.86 20.23 -14.49
C LYS A 54 5.84 19.27 -13.81
N LYS A 55 6.97 19.80 -13.37
CA LYS A 55 7.97 18.96 -12.73
C LYS A 55 8.24 19.28 -11.27
N ALA A 56 8.24 18.25 -10.44
CA ALA A 56 8.51 18.38 -9.01
C ALA A 56 9.55 17.35 -8.60
N ASP A 57 10.30 17.65 -7.55
CA ASP A 57 11.32 16.73 -7.04
C ASP A 57 10.75 15.83 -5.96
N VAL A 58 9.67 16.29 -5.32
CA VAL A 58 9.02 15.53 -4.28
C VAL A 58 7.51 15.68 -4.44
N LEU A 59 6.78 14.58 -4.30
CA LEU A 59 5.33 14.61 -4.39
C LEU A 59 4.79 13.91 -3.15
N ALA A 60 4.04 14.63 -2.34
CA ALA A 60 3.47 14.08 -1.11
C ALA A 60 1.96 14.16 -1.18
N SER A 61 1.32 12.99 -1.05
CA SER A 61 -0.13 12.88 -1.14
C SER A 61 -0.83 12.43 0.14
N ALA A 62 -2.04 12.95 0.35
CA ALA A 62 -2.83 12.60 1.53
C ALA A 62 -3.46 11.20 1.37
N ASP A 63 -3.34 10.64 0.17
CA ASP A 63 -3.82 9.28 -0.10
C ASP A 63 -2.71 8.62 -0.91
N TYR A 64 -1.91 7.80 -0.25
CA TYR A 64 -0.79 7.14 -0.88
C TYR A 64 -1.18 6.41 -2.16
N ALA A 65 -2.39 5.86 -2.18
CA ALA A 65 -2.83 5.05 -3.33
C ALA A 65 -2.87 5.78 -4.67
N LEU A 66 -2.89 7.11 -4.65
CA LEU A 66 -2.92 7.85 -5.89
C LEU A 66 -1.58 7.74 -6.63
N ILE A 67 -0.51 7.45 -5.88
CA ILE A 67 0.80 7.34 -6.52
C ILE A 67 0.83 6.11 -7.41
N PRO A 68 0.51 4.93 -6.85
CA PRO A 68 0.52 3.73 -7.71
C PRO A 68 -0.53 3.82 -8.81
N SER A 69 -1.74 4.27 -8.47
CA SER A 69 -2.82 4.34 -9.47
C SER A 69 -2.63 5.35 -10.60
N LEU A 70 -1.97 6.46 -10.32
CA LEU A 70 -1.80 7.48 -11.34
C LEU A 70 -0.37 7.70 -11.85
N MET A 71 0.62 7.40 -11.02
CA MET A 71 2.01 7.65 -11.39
C MET A 71 2.90 6.50 -11.83
N VAL A 72 2.66 5.31 -11.29
CA VAL A 72 3.51 4.16 -11.62
C VAL A 72 3.08 3.46 -12.90
N PRO A 73 4.04 3.17 -13.79
CA PRO A 73 5.48 3.44 -13.67
C PRO A 73 6.00 4.63 -14.48
N GLU A 74 5.13 5.32 -15.21
CA GLU A 74 5.60 6.42 -16.04
C GLU A 74 6.25 7.58 -15.30
N TYR A 75 5.67 7.99 -14.17
CA TYR A 75 6.23 9.11 -13.44
C TYR A 75 6.78 8.80 -12.04
N ALA A 76 6.59 7.57 -11.59
CA ALA A 76 7.09 7.16 -10.28
C ALA A 76 7.26 5.65 -10.26
N ASP A 77 8.13 5.16 -9.40
CA ASP A 77 8.39 3.73 -9.30
C ASP A 77 8.17 3.19 -7.90
N TRP A 78 7.99 4.10 -6.95
CA TRP A 78 7.82 3.70 -5.55
C TRP A 78 7.09 4.79 -4.77
N TYR A 79 6.84 4.49 -3.49
CA TYR A 79 6.21 5.43 -2.59
C TYR A 79 6.51 4.97 -1.16
N ALA A 80 6.63 5.93 -0.25
CA ALA A 80 6.86 5.62 1.15
C ALA A 80 5.67 6.11 1.96
N ALA A 81 5.14 5.25 2.82
CA ALA A 81 4.01 5.58 3.68
C ALA A 81 4.61 6.20 4.94
N PHE A 82 4.20 7.42 5.28
CA PHE A 82 4.80 8.12 6.42
C PHE A 82 3.90 8.70 7.50
N ALA A 83 2.59 8.74 7.26
CA ALA A 83 1.70 9.29 8.28
C ALA A 83 0.25 8.89 8.04
N ARG A 84 -0.57 9.12 9.06
CA ARG A 84 -1.99 8.82 8.98
C ARG A 84 -2.75 10.08 9.35
N ASN A 85 -4.08 10.01 9.27
CA ASN A 85 -4.90 11.12 9.68
C ASN A 85 -6.29 10.61 10.01
N GLN A 86 -7.20 11.54 10.32
CA GLN A 86 -8.55 11.18 10.74
C GLN A 86 -9.53 12.25 10.27
N MET A 87 -10.68 11.82 9.76
CA MET A 87 -11.68 12.78 9.33
C MET A 87 -12.52 13.21 10.52
N ILE A 88 -12.73 14.51 10.68
CA ILE A 88 -13.59 15.04 11.75
C ILE A 88 -14.49 16.13 11.15
N LEU A 89 -15.39 16.67 11.96
CA LEU A 89 -16.27 17.75 11.50
C LEU A 89 -15.87 18.95 12.34
N ALA A 90 -15.17 19.89 11.73
CA ALA A 90 -14.67 21.07 12.41
C ALA A 90 -15.71 22.19 12.51
N TYR A 91 -15.55 23.03 13.54
CA TYR A 91 -16.44 24.16 13.77
C TYR A 91 -15.77 25.16 14.73
N THR A 92 -16.44 26.27 15.00
CA THR A 92 -15.89 27.27 15.92
C THR A 92 -16.96 27.66 16.94
N ASN A 93 -16.58 28.46 17.92
CA ASN A 93 -17.52 28.90 18.95
C ASN A 93 -18.68 29.70 18.39
N GLU A 94 -18.55 30.19 17.16
CA GLU A 94 -19.62 30.97 16.56
C GLU A 94 -20.49 30.15 15.60
N SER A 95 -20.12 28.90 15.36
CA SER A 95 -20.91 28.06 14.46
C SER A 95 -22.28 27.81 15.05
N LYS A 96 -23.30 27.82 14.21
CA LYS A 96 -24.67 27.59 14.68
C LYS A 96 -24.76 26.20 15.32
N TYR A 97 -25.37 26.15 16.50
CA TYR A 97 -25.58 24.91 17.24
C TYR A 97 -24.33 24.18 17.70
N GLY A 98 -23.20 24.91 17.71
CA GLY A 98 -21.94 24.31 18.13
C GLY A 98 -21.97 23.78 19.55
N ASP A 99 -22.75 24.39 20.43
CA ASP A 99 -22.81 23.93 21.81
C ASP A 99 -23.72 22.73 21.99
N GLU A 100 -24.40 22.36 20.91
CA GLU A 100 -25.33 21.25 20.94
C GLU A 100 -24.83 20.00 20.21
N ILE A 101 -23.96 20.22 19.23
CA ILE A 101 -23.46 19.12 18.41
C ILE A 101 -22.51 18.14 19.08
N ASN A 102 -22.64 16.87 18.72
CA ASN A 102 -21.80 15.81 19.25
C ASN A 102 -21.77 14.63 18.28
N THR A 103 -20.99 13.61 18.65
CA THR A 103 -20.81 12.42 17.82
C THR A 103 -22.10 11.67 17.49
N ASP A 104 -23.10 11.80 18.35
CA ASP A 104 -24.38 11.12 18.15
C ASP A 104 -25.41 11.87 17.30
N ASN A 105 -25.25 13.18 17.15
CA ASN A 105 -26.25 13.95 16.41
C ASN A 105 -25.72 14.90 15.33
N TRP A 106 -24.43 14.86 15.02
CA TRP A 106 -23.88 15.80 14.05
C TRP A 106 -24.67 15.90 12.74
N TYR A 107 -25.09 14.75 12.20
CA TYR A 107 -25.82 14.75 10.94
C TYR A 107 -27.22 15.33 11.05
N GLU A 108 -27.78 15.35 12.26
CA GLU A 108 -29.11 15.92 12.46
C GLU A 108 -28.94 17.43 12.46
N ILE A 109 -27.81 17.91 12.97
CA ILE A 109 -27.53 19.33 12.98
C ILE A 109 -27.29 19.80 11.54
N LEU A 110 -26.53 19.02 10.77
CA LEU A 110 -26.26 19.41 9.38
C LEU A 110 -27.54 19.37 8.54
N ARG A 111 -28.52 18.58 8.97
CA ARG A 111 -29.80 18.49 8.27
C ARG A 111 -30.64 19.77 8.43
N ARG A 112 -30.35 20.57 9.47
CA ARG A 112 -31.13 21.80 9.67
C ARG A 112 -30.91 22.77 8.51
N PRO A 113 -32.00 23.27 7.92
CA PRO A 113 -31.92 24.20 6.79
C PRO A 113 -31.07 25.46 6.96
N ASP A 114 -30.88 25.93 8.19
CA ASP A 114 -30.08 27.13 8.41
C ASP A 114 -28.60 26.85 8.66
N VAL A 115 -28.20 25.60 8.57
CA VAL A 115 -26.80 25.19 8.77
C VAL A 115 -26.11 24.97 7.43
N ARG A 116 -24.90 25.50 7.32
CA ARG A 116 -24.11 25.35 6.09
C ARG A 116 -22.81 24.64 6.38
N TYR A 117 -22.42 23.67 5.55
CA TYR A 117 -21.17 22.95 5.73
C TYR A 117 -20.31 23.00 4.49
N GLY A 118 -19.02 22.75 4.68
CA GLY A 118 -18.10 22.79 3.55
C GLY A 118 -17.30 21.51 3.45
N PHE A 119 -16.90 21.23 2.22
CA PHE A 119 -16.03 20.08 1.92
C PHE A 119 -15.41 20.40 0.57
N SER A 120 -14.32 19.73 0.26
CA SER A 120 -13.63 20.01 -0.99
C SER A 120 -14.07 19.15 -2.17
N ASN A 121 -13.56 19.52 -3.33
CA ASN A 121 -13.87 18.88 -4.60
C ASN A 121 -13.36 17.43 -4.69
N PRO A 122 -14.28 16.44 -4.72
CA PRO A 122 -13.85 15.04 -4.80
C PRO A 122 -13.02 14.70 -6.02
N ASN A 123 -13.09 15.52 -7.07
CA ASN A 123 -12.30 15.27 -8.29
C ASN A 123 -10.85 15.71 -8.09
N ASP A 124 -10.59 16.52 -7.07
CA ASP A 124 -9.25 17.05 -6.86
C ASP A 124 -8.55 16.69 -5.57
N ASP A 125 -9.35 16.46 -4.53
CA ASP A 125 -8.82 16.30 -3.19
C ASP A 125 -9.33 15.12 -2.37
N PRO A 126 -8.40 14.33 -1.75
CA PRO A 126 -8.85 13.20 -0.94
C PRO A 126 -9.80 13.67 0.17
N ALA A 127 -9.53 14.83 0.77
CA ALA A 127 -10.42 15.31 1.84
C ALA A 127 -11.84 15.45 1.28
N GLY A 128 -11.92 15.77 -0.02
CA GLY A 128 -13.18 15.94 -0.70
C GLY A 128 -13.90 14.61 -0.92
N TYR A 129 -13.22 13.63 -1.51
CA TYR A 129 -13.92 12.38 -1.68
C TYR A 129 -14.17 11.68 -0.34
N ARG A 130 -13.30 11.94 0.64
CA ARG A 130 -13.46 11.35 1.96
C ARG A 130 -14.69 11.90 2.69
N SER A 131 -15.03 13.16 2.45
CA SER A 131 -16.22 13.72 3.08
C SER A 131 -17.43 12.93 2.62
N GLN A 132 -17.42 12.50 1.36
CA GLN A 132 -18.54 11.71 0.83
C GLN A 132 -18.54 10.30 1.40
N MET A 133 -17.36 9.68 1.48
CA MET A 133 -17.23 8.33 2.02
C MET A 133 -17.71 8.26 3.46
N VAL A 134 -17.27 9.22 4.27
CA VAL A 134 -17.65 9.25 5.68
C VAL A 134 -19.17 9.39 5.85
N THR A 135 -19.76 10.27 5.06
CA THR A 135 -21.18 10.52 5.15
C THR A 135 -22.02 9.33 4.70
N GLN A 136 -21.55 8.59 3.71
CA GLN A 136 -22.32 7.42 3.27
C GLN A 136 -22.15 6.27 4.26
N LEU A 137 -20.96 6.13 4.82
CA LEU A 137 -20.69 5.08 5.80
C LEU A 137 -21.51 5.34 7.06
N ALA A 138 -21.87 6.60 7.29
CA ALA A 138 -22.65 6.96 8.47
C ALA A 138 -24.03 6.34 8.46
N GLU A 139 -24.57 6.07 7.28
CA GLU A 139 -25.91 5.51 7.16
C GLU A 139 -26.07 4.18 7.89
N SER A 140 -25.14 3.26 7.65
CA SER A 140 -25.20 1.97 8.30
C SER A 140 -24.88 2.09 9.79
N TYR A 141 -23.89 2.91 10.11
CA TYR A 141 -23.51 3.07 11.51
C TYR A 141 -24.62 3.62 12.39
N TYR A 142 -25.34 4.63 11.90
CA TYR A 142 -26.43 5.24 12.67
C TYR A 142 -27.80 4.69 12.31
N ASN A 143 -27.83 3.68 11.43
CA ASN A 143 -29.08 3.07 11.00
C ASN A 143 -30.05 4.12 10.45
N ASP A 144 -29.56 4.95 9.54
CA ASP A 144 -30.35 6.02 8.91
C ASP A 144 -29.93 6.06 7.45
N ASP A 145 -30.72 5.43 6.59
CA ASP A 145 -30.41 5.37 5.17
C ASP A 145 -30.62 6.64 4.35
N MET A 146 -30.89 7.76 5.02
CA MET A 146 -31.08 9.01 4.30
C MET A 146 -30.06 10.09 4.64
N ILE A 147 -29.07 9.76 5.48
CA ILE A 147 -28.06 10.77 5.83
C ILE A 147 -27.35 11.29 4.58
N TYR A 148 -26.85 10.39 3.74
CA TYR A 148 -26.12 10.81 2.54
C TYR A 148 -27.07 11.45 1.53
N ASP A 149 -28.27 10.88 1.42
CA ASP A 149 -29.26 11.42 0.49
C ASP A 149 -29.64 12.85 0.85
N ASP A 150 -29.89 13.07 2.13
CA ASP A 150 -30.30 14.39 2.62
C ASP A 150 -29.21 15.46 2.56
N LEU A 151 -28.00 15.09 2.99
CA LEU A 151 -26.92 16.06 3.02
C LEU A 151 -26.20 16.31 1.70
N MET A 152 -25.94 15.24 0.96
CA MET A 152 -25.20 15.38 -0.29
C MET A 152 -25.98 15.24 -1.60
N LEU A 153 -26.73 14.16 -1.78
CA LEU A 153 -27.46 13.99 -3.03
C LEU A 153 -28.48 15.09 -3.28
N ALA A 154 -29.19 15.51 -2.23
CA ALA A 154 -30.20 16.53 -2.38
C ALA A 154 -29.59 17.91 -2.66
N ASN A 155 -28.30 18.06 -2.38
CA ASN A 155 -27.67 19.36 -2.53
C ASN A 155 -26.54 19.49 -3.55
N THR A 156 -26.29 18.44 -4.34
CA THR A 156 -25.21 18.49 -5.32
C THR A 156 -25.57 17.61 -6.51
N GLY A 157 -24.69 17.60 -7.51
CA GLY A 157 -24.89 16.79 -8.70
C GLY A 157 -24.32 15.39 -8.54
N MET A 158 -23.84 15.05 -7.35
CA MET A 158 -23.32 13.70 -7.12
C MET A 158 -24.49 12.73 -7.19
N THR A 159 -24.19 11.48 -7.54
CA THR A 159 -25.23 10.46 -7.59
C THR A 159 -24.64 9.20 -6.97
N LEU A 160 -25.50 8.25 -6.61
CA LEU A 160 -25.02 7.03 -5.98
C LEU A 160 -25.73 5.80 -6.53
N THR A 161 -24.95 4.74 -6.75
CA THR A 161 -25.47 3.48 -7.24
C THR A 161 -24.90 2.39 -6.33
N THR A 162 -25.58 1.26 -6.27
CA THR A 162 -25.12 0.16 -5.45
C THR A 162 -24.56 -0.95 -6.35
N GLU A 163 -23.33 -1.38 -6.05
CA GLU A 163 -22.69 -2.41 -6.84
C GLU A 163 -23.16 -3.81 -6.46
N GLU A 164 -22.94 -4.75 -7.36
CA GLU A 164 -23.32 -6.15 -7.15
C GLU A 164 -22.88 -6.68 -5.80
N ASN A 165 -21.65 -6.34 -5.39
CA ASN A 165 -21.13 -6.81 -4.12
C ASN A 165 -21.70 -6.04 -2.93
N GLY A 166 -22.59 -5.10 -3.19
CA GLY A 166 -23.19 -4.33 -2.12
C GLY A 166 -22.46 -3.03 -1.84
N THR A 167 -21.35 -2.80 -2.54
CA THR A 167 -20.58 -1.58 -2.36
C THR A 167 -21.32 -0.37 -2.87
N ALA A 168 -21.26 0.74 -2.13
CA ALA A 168 -21.90 1.97 -2.57
C ALA A 168 -20.88 2.68 -3.46
N LEU A 169 -21.30 3.08 -4.65
CA LEU A 169 -20.42 3.79 -5.57
C LEU A 169 -20.96 5.20 -5.81
N ILE A 170 -20.22 6.20 -5.31
CA ILE A 170 -20.59 7.59 -5.46
C ILE A 170 -19.98 8.12 -6.75
N HIS A 171 -20.81 8.74 -7.59
CA HIS A 171 -20.35 9.28 -8.87
C HIS A 171 -20.25 10.79 -8.83
N VAL A 172 -19.05 11.30 -9.11
CA VAL A 172 -18.82 12.73 -9.12
C VAL A 172 -18.83 13.23 -10.56
N PRO A 173 -19.66 14.24 -10.85
CA PRO A 173 -19.76 14.80 -12.20
C PRO A 173 -18.61 15.78 -12.46
N ALA A 174 -18.59 16.38 -13.64
CA ALA A 174 -17.55 17.35 -13.95
C ALA A 174 -17.60 18.37 -12.84
N SER A 175 -16.44 18.91 -12.47
CA SER A 175 -16.40 19.88 -11.38
C SER A 175 -17.43 21.00 -11.51
N GLU A 176 -17.56 21.57 -12.70
CA GLU A 176 -18.52 22.64 -12.92
C GLU A 176 -19.98 22.17 -12.86
N GLU A 177 -20.18 20.87 -12.70
CA GLU A 177 -21.52 20.33 -12.62
C GLU A 177 -21.88 19.75 -11.24
N ILE A 178 -20.99 19.94 -10.27
CA ILE A 178 -21.26 19.46 -8.92
C ILE A 178 -22.41 20.35 -8.41
N SER A 179 -22.42 21.59 -8.88
CA SER A 179 -23.45 22.58 -8.57
C SER A 179 -24.08 22.50 -7.20
N PRO A 180 -23.30 22.81 -6.15
CA PRO A 180 -23.80 22.76 -4.77
C PRO A 180 -24.90 23.78 -4.46
N ASN A 181 -25.86 23.37 -3.64
CA ASN A 181 -26.93 24.26 -3.18
C ASN A 181 -26.15 25.19 -2.25
N THR A 182 -25.95 26.44 -2.65
CA THR A 182 -25.14 27.34 -1.83
C THR A 182 -25.69 27.73 -0.47
N SER A 183 -26.95 27.42 -0.19
CA SER A 183 -27.48 27.73 1.13
C SER A 183 -27.05 26.59 2.09
N LYS A 184 -26.61 25.48 1.52
CA LYS A 184 -26.21 24.32 2.32
C LYS A 184 -24.74 23.94 2.25
N ILE A 185 -24.12 24.22 1.12
CA ILE A 185 -22.74 23.80 0.91
C ILE A 185 -21.82 24.83 0.29
N MET A 186 -20.58 24.85 0.76
CA MET A 186 -19.54 25.68 0.16
C MET A 186 -18.49 24.68 -0.26
N LEU A 187 -18.03 24.80 -1.50
CA LEU A 187 -17.04 23.88 -2.04
C LEU A 187 -15.79 24.63 -2.47
N ARG A 188 -14.63 24.01 -2.27
CA ARG A 188 -13.37 24.60 -2.71
C ARG A 188 -12.56 23.46 -3.31
N SER A 189 -11.55 23.80 -4.12
CA SER A 189 -10.72 22.77 -4.74
C SER A 189 -10.03 21.88 -3.73
N MET A 190 -9.54 22.47 -2.64
CA MET A 190 -8.91 21.64 -1.62
C MET A 190 -9.38 22.10 -0.26
N GLU A 191 -9.40 21.17 0.69
CA GLU A 191 -9.91 21.42 2.03
C GLU A 191 -9.39 22.64 2.79
N VAL A 192 -8.08 22.88 2.73
CA VAL A 192 -7.53 24.02 3.47
C VAL A 192 -8.03 25.38 2.96
N GLU A 193 -8.63 25.42 1.78
CA GLU A 193 -9.17 26.67 1.21
C GLU A 193 -10.49 27.04 1.89
N LEU A 194 -10.99 26.15 2.76
CA LEU A 194 -12.24 26.40 3.46
C LEU A 194 -12.02 26.86 4.90
N SER A 195 -10.76 26.89 5.32
CA SER A 195 -10.41 27.29 6.68
C SER A 195 -10.87 28.69 7.03
N SER A 196 -10.64 29.63 6.12
CA SER A 196 -11.05 31.02 6.36
C SER A 196 -12.57 31.12 6.42
N ALA A 197 -13.25 30.41 5.54
CA ALA A 197 -14.72 30.41 5.50
C ALA A 197 -15.29 29.96 6.85
N LEU A 198 -14.65 28.97 7.46
CA LEU A 198 -15.11 28.47 8.75
C LEU A 198 -14.79 29.49 9.85
N GLU A 199 -13.58 30.03 9.82
CA GLU A 199 -13.16 30.99 10.83
C GLU A 199 -14.01 32.26 10.84
N THR A 200 -14.42 32.72 9.66
CA THR A 200 -15.22 33.93 9.55
C THR A 200 -16.73 33.67 9.63
N GLY A 201 -17.10 32.40 9.82
CA GLY A 201 -18.50 32.06 9.93
C GLY A 201 -19.31 31.90 8.65
N GLU A 202 -18.66 31.92 7.49
CA GLU A 202 -19.40 31.75 6.23
C GLU A 202 -19.96 30.33 6.16
N ILE A 203 -19.33 29.40 6.88
CA ILE A 203 -19.83 28.04 6.98
C ILE A 203 -19.82 27.71 8.47
N ASP A 204 -20.69 26.80 8.89
CA ASP A 204 -20.80 26.40 10.27
C ASP A 204 -19.95 25.17 10.57
N TYR A 205 -19.91 24.24 9.61
CA TYR A 205 -19.15 23.02 9.80
C TYR A 205 -18.30 22.71 8.59
N LEU A 206 -17.20 22.02 8.85
CA LEU A 206 -16.23 21.69 7.81
C LEU A 206 -15.70 20.26 7.88
N TYR A 207 -15.85 19.50 6.80
CA TYR A 207 -15.32 18.14 6.76
C TYR A 207 -13.83 18.31 6.48
N ILE A 208 -12.99 17.90 7.41
CA ILE A 208 -11.55 18.07 7.20
C ILE A 208 -10.77 17.21 8.18
N TYR A 209 -9.46 17.13 8.01
CA TYR A 209 -8.62 16.32 8.89
C TYR A 209 -8.47 16.87 10.29
N ARG A 210 -8.34 15.95 11.25
CA ARG A 210 -8.17 16.34 12.64
C ARG A 210 -6.89 17.17 12.79
N SER A 211 -5.84 16.80 12.05
CA SER A 211 -4.58 17.54 12.14
C SER A 211 -4.78 19.01 11.79
N VAL A 212 -5.52 19.28 10.71
CA VAL A 212 -5.77 20.65 10.30
C VAL A 212 -6.60 21.40 11.33
N ALA A 213 -7.61 20.73 11.90
CA ALA A 213 -8.43 21.37 12.91
C ALA A 213 -7.56 21.78 14.09
N GLU A 214 -6.67 20.90 14.52
CA GLU A 214 -5.81 21.21 15.67
C GLU A 214 -4.85 22.35 15.35
N GLN A 215 -4.32 22.37 14.13
CA GLN A 215 -3.39 23.41 13.72
C GLN A 215 -4.04 24.78 13.73
N HIS A 216 -5.32 24.84 13.35
CA HIS A 216 -6.06 26.10 13.29
C HIS A 216 -6.78 26.45 14.58
N GLY A 217 -6.80 25.53 15.54
CA GLY A 217 -7.50 25.79 16.77
C GLY A 217 -9.00 25.65 16.63
N PHE A 218 -9.46 24.90 15.64
CA PHE A 218 -10.90 24.71 15.46
C PHE A 218 -11.39 23.65 16.43
N GLU A 219 -12.65 23.77 16.83
CA GLU A 219 -13.25 22.75 17.69
C GLU A 219 -13.63 21.68 16.68
N TYR A 220 -13.98 20.49 17.14
CA TYR A 220 -14.39 19.46 16.20
C TYR A 220 -15.15 18.32 16.85
N VAL A 221 -15.99 17.69 16.03
CA VAL A 221 -16.75 16.54 16.47
C VAL A 221 -15.96 15.31 16.05
N ALA A 222 -15.66 14.45 17.01
CA ALA A 222 -14.95 13.22 16.70
C ALA A 222 -16.02 12.31 16.10
N LEU A 223 -15.68 11.61 15.03
CA LEU A 223 -16.62 10.71 14.40
C LEU A 223 -16.25 9.28 14.77
N PRO A 224 -17.22 8.35 14.69
CA PRO A 224 -16.95 6.95 15.03
C PRO A 224 -15.82 6.37 14.17
N PRO A 225 -14.88 5.65 14.79
CA PRO A 225 -13.79 5.07 14.00
C PRO A 225 -14.28 4.17 12.86
N ALA A 226 -15.50 3.65 12.97
CA ALA A 226 -16.03 2.79 11.92
C ALA A 226 -16.29 3.56 10.63
N ILE A 227 -16.37 4.89 10.72
CA ILE A 227 -16.65 5.69 9.53
C ILE A 227 -15.67 6.83 9.26
N ASP A 228 -14.78 7.12 10.20
CA ASP A 228 -13.86 8.26 10.04
C ASP A 228 -12.56 8.05 9.28
N LEU A 229 -12.38 6.84 8.73
CA LEU A 229 -11.20 6.50 7.92
C LEU A 229 -9.87 6.62 8.64
N SER A 230 -9.91 6.57 9.96
CA SER A 230 -8.70 6.72 10.77
C SER A 230 -7.96 5.46 11.15
N SER A 231 -8.67 4.35 11.24
CA SER A 231 -8.07 3.12 11.72
C SER A 231 -7.97 1.90 10.81
N LEU A 232 -6.80 1.27 10.84
CA LEU A 232 -6.55 0.08 10.04
C LEU A 232 -7.52 -1.01 10.48
N GLU A 233 -7.92 -0.96 11.75
CA GLU A 233 -8.84 -1.93 12.32
C GLU A 233 -10.17 -2.00 11.57
N TYR A 234 -10.62 -0.87 11.03
CA TYR A 234 -11.89 -0.84 10.30
C TYR A 234 -11.77 -0.77 8.79
N ALA A 235 -10.62 -1.17 8.27
CA ALA A 235 -10.42 -1.15 6.82
C ALA A 235 -11.50 -1.89 6.02
N ASP A 236 -12.01 -2.99 6.57
CA ASP A 236 -13.04 -3.75 5.86
C ASP A 236 -14.33 -2.94 5.71
N ASN A 237 -14.68 -2.19 6.74
CA ASN A 237 -15.90 -1.38 6.66
C ASN A 237 -15.71 -0.20 5.71
N TYR A 238 -14.55 0.45 5.78
CA TYR A 238 -14.30 1.60 4.92
C TYR A 238 -14.42 1.26 3.43
N SER A 239 -13.98 0.06 3.05
CA SER A 239 -14.02 -0.35 1.65
C SER A 239 -15.43 -0.56 1.09
N LYS A 240 -16.45 -0.38 1.93
CA LYS A 240 -17.83 -0.54 1.49
C LYS A 240 -18.34 0.66 0.71
N VAL A 241 -17.48 1.65 0.53
CA VAL A 241 -17.84 2.82 -0.26
C VAL A 241 -16.69 3.19 -1.19
N GLN A 242 -17.03 3.59 -2.40
CA GLN A 242 -16.06 4.00 -3.40
C GLN A 242 -16.57 5.27 -4.06
N VAL A 243 -15.65 6.06 -4.62
CA VAL A 243 -15.99 7.28 -5.30
C VAL A 243 -15.36 7.27 -6.68
N GLU A 244 -16.18 7.53 -7.68
CA GLU A 244 -15.75 7.56 -9.07
C GLU A 244 -15.65 9.02 -9.50
N MET A 245 -14.44 9.47 -9.80
CA MET A 245 -14.21 10.85 -10.25
C MET A 245 -14.73 11.02 -11.66
N VAL A 246 -14.87 12.26 -12.11
CA VAL A 246 -15.38 12.51 -13.44
C VAL A 246 -14.54 11.83 -14.52
N ASN A 247 -13.23 11.72 -14.30
CA ASN A 247 -12.33 11.09 -15.28
C ASN A 247 -12.34 9.56 -15.24
N GLY A 248 -13.22 8.96 -14.46
CA GLY A 248 -13.29 7.51 -14.40
C GLY A 248 -12.47 6.83 -13.32
N GLU A 249 -11.55 7.56 -12.71
CA GLU A 249 -10.72 6.99 -11.65
C GLU A 249 -11.58 6.68 -10.43
N VAL A 250 -11.40 5.49 -9.85
CA VAL A 250 -12.16 5.10 -8.69
C VAL A 250 -11.30 4.94 -7.45
N VAL A 251 -11.65 5.66 -6.38
CA VAL A 251 -10.91 5.56 -5.14
C VAL A 251 -11.78 4.84 -4.13
N THR A 252 -11.16 4.05 -3.26
CA THR A 252 -11.90 3.25 -2.29
C THR A 252 -11.70 3.70 -0.84
N GLY A 253 -12.78 3.62 -0.05
CA GLY A 253 -12.67 3.98 1.34
C GLY A 253 -11.56 3.16 1.96
N SER A 254 -10.65 3.81 2.68
CA SER A 254 -9.51 3.13 3.29
C SER A 254 -8.93 3.96 4.42
N PRO A 255 -8.12 3.34 5.29
CA PRO A 255 -7.51 4.08 6.39
C PRO A 255 -6.66 5.18 5.76
N ILE A 256 -6.73 6.40 6.29
CA ILE A 256 -5.95 7.49 5.71
C ILE A 256 -4.46 7.29 5.94
N VAL A 257 -3.72 7.09 4.84
CA VAL A 257 -2.27 6.92 4.89
C VAL A 257 -1.65 7.83 3.84
N TYR A 258 -0.73 8.68 4.28
CA TYR A 258 -0.04 9.62 3.40
C TYR A 258 1.17 8.96 2.78
N GLY A 259 1.41 9.27 1.51
CA GLY A 259 2.55 8.68 0.82
C GLY A 259 3.40 9.73 0.13
N VAL A 260 4.69 9.46 0.02
CA VAL A 260 5.59 10.40 -0.64
C VAL A 260 6.47 9.67 -1.64
N THR A 261 6.83 10.38 -2.71
CA THR A 261 7.70 9.80 -3.71
C THR A 261 8.54 10.87 -4.38
N ILE A 262 9.52 10.42 -5.14
CA ILE A 262 10.40 11.30 -5.88
C ILE A 262 10.11 10.92 -7.32
N PRO A 263 9.42 11.78 -8.08
CA PRO A 263 9.09 11.48 -9.47
C PRO A 263 10.35 11.06 -10.22
N ASN A 264 10.20 10.13 -11.16
CA ASN A 264 11.37 9.66 -11.89
C ASN A 264 11.83 10.63 -12.97
N ASN A 265 11.21 11.81 -13.02
CA ASN A 265 11.62 12.83 -13.96
C ASN A 265 11.99 14.09 -13.17
N ALA A 266 12.24 13.90 -11.88
CA ALA A 266 12.63 15.00 -11.01
C ALA A 266 13.93 15.60 -11.54
N GLU A 267 14.10 16.91 -11.37
CA GLU A 267 15.31 17.57 -11.85
C GLU A 267 16.40 17.60 -10.78
N ASN A 268 16.02 17.46 -9.51
CA ASN A 268 17.00 17.45 -8.43
C ASN A 268 16.75 16.25 -7.52
N SER A 269 16.89 15.06 -8.07
CA SER A 269 16.67 13.83 -7.32
C SER A 269 17.58 13.66 -6.10
N GLU A 270 18.84 14.05 -6.20
CA GLU A 270 19.76 13.91 -5.07
C GLU A 270 19.31 14.74 -3.88
N LEU A 271 18.96 15.99 -4.13
CA LEU A 271 18.49 16.86 -3.06
C LEU A 271 17.16 16.32 -2.53
N ALA A 272 16.36 15.78 -3.44
CA ALA A 272 15.06 15.23 -3.07
C ALA A 272 15.27 14.10 -2.07
N THR A 273 16.28 13.26 -2.30
CA THR A 273 16.58 12.16 -1.40
C THR A 273 16.86 12.66 0.01
N GLU A 274 17.56 13.78 0.12
CA GLU A 274 17.88 14.32 1.43
C GLU A 274 16.61 14.85 2.09
N PHE A 275 15.70 15.39 1.29
CA PHE A 275 14.48 15.94 1.84
C PHE A 275 13.58 14.81 2.35
N VAL A 276 13.43 13.76 1.55
CA VAL A 276 12.60 12.63 1.95
C VAL A 276 13.23 11.95 3.16
N ALA A 277 14.56 11.95 3.23
CA ALA A 277 15.24 11.34 4.34
C ALA A 277 14.91 12.12 5.62
N LEU A 278 14.84 13.44 5.51
CA LEU A 278 14.52 14.28 6.66
C LEU A 278 13.07 14.04 7.08
N LEU A 279 12.19 13.92 6.09
CA LEU A 279 10.77 13.69 6.32
C LEU A 279 10.51 12.38 7.07
N LEU A 280 11.16 11.31 6.62
CA LEU A 280 10.99 9.99 7.23
C LEU A 280 11.74 9.83 8.54
N GLY A 281 12.85 10.55 8.68
CA GLY A 281 13.66 10.48 9.88
C GLY A 281 12.99 11.04 11.12
N GLU A 282 13.71 10.99 12.24
CA GLU A 282 13.22 11.45 13.52
C GLU A 282 12.76 12.91 13.56
N THR A 283 13.42 13.78 12.80
CA THR A 283 13.04 15.19 12.79
C THR A 283 11.68 15.37 12.10
N GLY A 284 11.49 14.68 10.98
CA GLY A 284 10.24 14.77 10.27
C GLY A 284 9.13 14.16 11.11
N GLN A 285 9.41 12.99 11.68
CA GLN A 285 8.45 12.29 12.52
C GLN A 285 7.93 13.19 13.62
N GLN A 286 8.84 13.89 14.28
CA GLN A 286 8.49 14.79 15.36
C GLN A 286 7.61 15.95 14.90
N ILE A 287 7.91 16.49 13.73
CA ILE A 287 7.13 17.60 13.17
C ILE A 287 5.70 17.15 12.93
N PHE A 288 5.53 15.98 12.33
CA PHE A 288 4.19 15.47 12.06
C PHE A 288 3.40 15.23 13.33
N ILE A 289 4.00 14.58 14.32
CA ILE A 289 3.30 14.31 15.56
C ILE A 289 2.93 15.60 16.29
N GLU A 290 3.80 16.60 16.24
CA GLU A 290 3.53 17.87 16.90
C GLU A 290 2.45 18.63 16.15
N ASN A 291 2.22 18.26 14.91
CA ASN A 291 1.21 18.91 14.09
C ASN A 291 -0.08 18.11 13.99
N GLY A 292 -0.22 17.13 14.89
CA GLY A 292 -1.44 16.33 14.92
C GLY A 292 -1.61 15.16 13.98
N GLN A 293 -0.53 14.68 13.37
CA GLN A 293 -0.62 13.51 12.48
C GLN A 293 0.16 12.33 13.03
N PRO A 294 -0.55 11.24 13.36
CA PRO A 294 0.15 10.07 13.89
C PRO A 294 0.94 9.35 12.80
N PRO A 295 1.96 8.60 13.20
CA PRO A 295 2.78 7.87 12.23
C PRO A 295 1.97 6.67 11.75
N ILE A 296 2.52 5.91 10.81
CA ILE A 296 1.79 4.74 10.33
C ILE A 296 1.75 3.67 11.43
N GLY B 4 37.02 -0.29 8.99
CA GLY B 4 35.97 0.08 7.98
C GLY B 4 34.57 0.08 8.57
N GLU B 5 33.56 0.03 7.71
CA GLU B 5 32.18 0.04 8.15
C GLU B 5 31.36 -1.04 7.43
N VAL B 6 30.35 -1.55 8.11
CA VAL B 6 29.49 -2.59 7.56
C VAL B 6 28.03 -2.18 7.42
N LEU B 7 27.37 -2.65 6.36
CA LEU B 7 25.95 -2.39 6.13
C LEU B 7 25.28 -3.75 6.09
N THR B 8 24.50 -4.07 7.12
CA THR B 8 23.82 -5.36 7.19
C THR B 8 22.46 -5.28 6.49
N VAL B 9 22.23 -6.17 5.54
CA VAL B 9 20.98 -6.18 4.78
C VAL B 9 20.29 -7.54 4.76
N PHE B 10 19.08 -7.60 5.32
CA PHE B 10 18.28 -8.83 5.33
C PHE B 10 17.29 -8.70 4.18
N HIS B 11 17.27 -9.66 3.26
CA HIS B 11 16.34 -9.55 2.14
C HIS B 11 15.68 -10.86 1.70
N ALA B 12 14.52 -10.70 1.07
CA ALA B 12 13.74 -11.81 0.55
C ALA B 12 14.58 -12.62 -0.43
N GLY B 13 14.35 -13.92 -0.47
CA GLY B 13 15.09 -14.77 -1.38
C GLY B 13 14.99 -14.36 -2.84
N SER B 14 13.81 -13.94 -3.30
CA SER B 14 13.63 -13.56 -4.69
C SER B 14 14.39 -12.27 -5.04
N LEU B 15 14.89 -11.57 -4.03
CA LEU B 15 15.66 -10.34 -4.26
C LEU B 15 17.15 -10.62 -4.38
N SER B 16 17.53 -11.89 -4.27
CA SER B 16 18.94 -12.26 -4.34
C SER B 16 19.71 -11.72 -5.53
N VAL B 17 19.20 -11.93 -6.74
CA VAL B 17 19.89 -11.47 -7.94
C VAL B 17 20.03 -9.95 -8.02
N PRO B 18 18.93 -9.20 -7.90
CA PRO B 18 19.11 -7.75 -7.97
C PRO B 18 19.89 -7.16 -6.79
N PHE B 19 19.74 -7.74 -5.60
CA PHE B 19 20.45 -7.22 -4.45
C PHE B 19 21.93 -7.56 -4.50
N GLU B 20 22.27 -8.61 -5.25
CA GLU B 20 23.66 -8.99 -5.39
C GLU B 20 24.33 -7.88 -6.18
N GLU B 21 23.63 -7.41 -7.22
CA GLU B 21 24.15 -6.35 -8.07
C GLU B 21 24.19 -5.02 -7.33
N LEU B 22 23.22 -4.79 -6.45
CA LEU B 22 23.20 -3.56 -5.68
C LEU B 22 24.37 -3.55 -4.71
N GLU B 23 24.68 -4.70 -4.13
CA GLU B 23 25.80 -4.77 -3.19
C GLU B 23 27.09 -4.39 -3.92
N ALA B 24 27.25 -4.91 -5.13
CA ALA B 24 28.44 -4.65 -5.93
C ALA B 24 28.54 -3.16 -6.23
N GLU B 25 27.49 -2.62 -6.85
CA GLU B 25 27.45 -1.21 -7.21
C GLU B 25 27.72 -0.31 -6.01
N PHE B 26 27.07 -0.61 -4.89
CA PHE B 26 27.23 0.18 -3.68
C PHE B 26 28.66 0.12 -3.16
N GLU B 27 29.29 -1.04 -3.22
CA GLU B 27 30.66 -1.18 -2.74
C GLU B 27 31.64 -0.51 -3.70
N ALA B 28 31.27 -0.48 -4.98
CA ALA B 28 32.12 0.14 -5.99
C ALA B 28 32.00 1.66 -5.89
N GLN B 29 30.91 2.12 -5.29
CA GLN B 29 30.67 3.55 -5.11
C GLN B 29 31.11 4.04 -3.75
N HIS B 30 31.36 3.10 -2.83
CA HIS B 30 31.79 3.46 -1.48
C HIS B 30 32.90 2.57 -0.94
N PRO B 31 34.15 2.83 -1.35
CA PRO B 31 35.30 2.03 -0.90
C PRO B 31 35.40 1.97 0.62
N GLY B 32 35.68 0.78 1.16
CA GLY B 32 35.81 0.65 2.60
C GLY B 32 34.54 0.10 3.22
N VAL B 33 33.45 0.14 2.46
CA VAL B 33 32.16 -0.35 2.93
C VAL B 33 31.91 -1.77 2.46
N ASP B 34 31.53 -2.64 3.39
CA ASP B 34 31.22 -4.03 3.03
C ASP B 34 29.73 -4.28 3.26
N VAL B 35 29.00 -4.46 2.17
CA VAL B 35 27.58 -4.74 2.28
C VAL B 35 27.46 -6.24 2.57
N GLN B 36 26.92 -6.59 3.73
CA GLN B 36 26.76 -8.00 4.10
C GLN B 36 25.27 -8.38 4.00
N ARG B 37 24.92 -9.14 2.96
CA ARG B 37 23.54 -9.58 2.74
C ARG B 37 23.22 -10.94 3.35
N GLU B 38 21.97 -11.11 3.76
CA GLU B 38 21.48 -12.37 4.30
C GLU B 38 20.13 -12.62 3.65
N ALA B 39 20.03 -13.69 2.86
CA ALA B 39 18.79 -14.02 2.18
C ALA B 39 18.00 -15.06 2.97
N ALA B 40 16.69 -14.85 3.06
CA ALA B 40 15.82 -15.78 3.77
C ALA B 40 14.39 -15.42 3.40
N GLY B 41 13.48 -16.37 3.58
CA GLY B 41 12.08 -16.09 3.27
C GLY B 41 11.76 -14.80 4.01
N SER B 42 10.97 -13.92 3.41
CA SER B 42 10.68 -12.62 4.04
C SER B 42 10.18 -12.66 5.48
N ALA B 43 9.32 -13.60 5.83
CA ALA B 43 8.82 -13.66 7.20
C ALA B 43 9.96 -13.98 8.15
N GLN B 44 10.77 -14.97 7.78
CA GLN B 44 11.92 -15.35 8.62
C GLN B 44 12.90 -14.18 8.71
N SER B 45 13.07 -13.45 7.61
CA SER B 45 13.98 -12.30 7.58
C SER B 45 13.53 -11.25 8.58
N VAL B 46 12.23 -10.97 8.61
CA VAL B 46 11.69 -9.99 9.55
C VAL B 46 11.84 -10.50 10.98
N ARG B 47 11.57 -11.78 11.19
CA ARG B 47 11.67 -12.33 12.53
C ARG B 47 13.09 -12.29 13.10
N LYS B 48 14.10 -12.23 12.23
CA LYS B 48 15.48 -12.14 12.72
C LYS B 48 15.57 -10.90 13.57
N ILE B 49 14.91 -9.85 13.09
CA ILE B 49 14.90 -8.55 13.78
C ILE B 49 13.90 -8.49 14.92
N THR B 50 12.66 -8.86 14.64
CA THR B 50 11.60 -8.79 15.63
C THR B 50 11.55 -9.88 16.69
N GLU B 51 12.23 -11.00 16.44
CA GLU B 51 12.21 -12.10 17.40
C GLU B 51 13.56 -12.56 17.92
N LEU B 52 14.56 -12.59 17.04
CA LEU B 52 15.89 -13.06 17.42
C LEU B 52 16.88 -11.99 17.83
N GLY B 53 16.38 -10.80 18.10
CA GLY B 53 17.24 -9.70 18.52
C GLY B 53 18.39 -9.34 17.61
N LYS B 54 18.30 -9.72 16.34
CA LYS B 54 19.36 -9.38 15.40
C LYS B 54 19.16 -7.96 14.90
N LYS B 55 20.24 -7.32 14.46
CA LYS B 55 20.15 -5.96 13.96
C LYS B 55 20.62 -5.83 12.52
N ALA B 56 19.77 -5.25 11.68
CA ALA B 56 20.08 -5.05 10.27
C ALA B 56 19.84 -3.58 9.95
N ASP B 57 20.51 -3.08 8.91
CA ASP B 57 20.37 -1.68 8.52
C ASP B 57 19.26 -1.51 7.50
N VAL B 58 19.04 -2.57 6.73
CA VAL B 58 18.01 -2.57 5.70
C VAL B 58 17.25 -3.91 5.70
N LEU B 59 15.92 -3.81 5.62
CA LEU B 59 15.08 -5.00 5.56
C LEU B 59 14.20 -4.84 4.33
N ALA B 60 14.29 -5.80 3.41
CA ALA B 60 13.50 -5.76 2.18
C ALA B 60 12.69 -7.05 2.08
N SER B 61 11.37 -6.89 2.01
CA SER B 61 10.43 -8.01 1.96
C SER B 61 9.70 -8.19 0.62
N ALA B 62 9.37 -9.43 0.29
CA ALA B 62 8.63 -9.72 -0.94
C ALA B 62 7.14 -9.45 -0.73
N ASP B 63 6.76 -9.13 0.51
CA ASP B 63 5.37 -8.77 0.84
C ASP B 63 5.55 -7.58 1.78
N TYR B 64 5.33 -6.37 1.26
CA TYR B 64 5.49 -5.16 2.04
C TYR B 64 4.73 -5.20 3.36
N ALA B 65 3.53 -5.80 3.33
CA ALA B 65 2.66 -5.85 4.50
C ALA B 65 3.28 -6.44 5.77
N LEU B 66 4.34 -7.24 5.61
CA LEU B 66 4.98 -7.82 6.79
C LEU B 66 5.67 -6.75 7.62
N ILE B 67 6.02 -5.62 7.00
CA ILE B 67 6.68 -4.58 7.77
C ILE B 67 5.70 -3.96 8.75
N PRO B 68 4.56 -3.42 8.28
CA PRO B 68 3.65 -2.86 9.28
C PRO B 68 3.05 -3.88 10.24
N SER B 69 2.80 -5.09 9.77
CA SER B 69 2.19 -6.10 10.64
C SER B 69 3.13 -6.66 11.71
N LEU B 70 4.42 -6.68 11.43
CA LEU B 70 5.36 -7.25 12.40
C LEU B 70 6.37 -6.29 13.01
N MET B 71 6.76 -5.28 12.25
CA MET B 71 7.78 -4.33 12.71
C MET B 71 7.34 -2.98 13.28
N VAL B 72 6.23 -2.45 12.77
CA VAL B 72 5.75 -1.14 13.21
C VAL B 72 4.96 -1.18 14.53
N PRO B 73 5.30 -0.30 15.48
CA PRO B 73 6.34 0.73 15.42
C PRO B 73 7.61 0.38 16.21
N GLU B 74 7.62 -0.77 16.86
CA GLU B 74 8.76 -1.19 17.66
C GLU B 74 10.10 -1.24 16.92
N TYR B 75 10.10 -1.76 15.69
CA TYR B 75 11.33 -1.89 14.92
C TYR B 75 11.42 -1.10 13.62
N ALA B 76 10.33 -0.46 13.24
CA ALA B 76 10.31 0.35 12.01
C ALA B 76 9.25 1.42 12.13
N ASP B 77 9.47 2.56 11.48
CA ASP B 77 8.53 3.68 11.54
C ASP B 77 7.85 3.96 10.22
N TRP B 78 8.46 3.50 9.12
CA TRP B 78 7.91 3.72 7.79
C TRP B 78 8.33 2.57 6.90
N TYR B 79 7.87 2.61 5.65
CA TYR B 79 8.23 1.61 4.66
C TYR B 79 7.95 2.16 3.28
N ALA B 80 8.67 1.65 2.29
CA ALA B 80 8.46 2.07 0.92
C ALA B 80 8.13 0.85 0.07
N ALA B 81 7.06 0.96 -0.72
CA ALA B 81 6.65 -0.11 -1.63
C ALA B 81 7.45 0.21 -2.88
N PHE B 82 8.25 -0.74 -3.38
CA PHE B 82 9.12 -0.44 -4.51
C PHE B 82 9.12 -1.38 -5.72
N ALA B 83 8.42 -2.50 -5.63
CA ALA B 83 8.40 -3.42 -6.78
C ALA B 83 7.22 -4.37 -6.70
N ARG B 84 6.98 -5.07 -7.80
CA ARG B 84 5.89 -6.04 -7.88
C ARG B 84 6.38 -7.33 -8.52
N ASN B 85 5.50 -8.33 -8.59
CA ASN B 85 5.86 -9.60 -9.21
C ASN B 85 4.60 -10.37 -9.58
N GLN B 86 4.80 -11.55 -10.17
CA GLN B 86 3.71 -12.38 -10.63
C GLN B 86 4.02 -13.85 -10.30
N MET B 87 3.03 -14.59 -9.84
CA MET B 87 3.25 -16.00 -9.53
C MET B 87 3.07 -16.80 -10.81
N ILE B 88 4.02 -17.69 -11.09
CA ILE B 88 3.93 -18.55 -12.27
C ILE B 88 4.31 -19.97 -11.85
N LEU B 89 4.21 -20.92 -12.78
CA LEU B 89 4.57 -22.30 -12.50
C LEU B 89 5.74 -22.60 -13.43
N ALA B 90 6.94 -22.63 -12.87
CA ALA B 90 8.17 -22.86 -13.64
C ALA B 90 8.50 -24.32 -13.90
N TYR B 91 9.19 -24.57 -15.00
CA TYR B 91 9.61 -25.91 -15.38
C TYR B 91 10.73 -25.81 -16.39
N THR B 92 11.27 -26.95 -16.81
CA THR B 92 12.36 -26.94 -17.80
C THR B 92 12.10 -27.97 -18.89
N ASN B 93 13.00 -27.99 -19.86
CA ASN B 93 12.92 -28.93 -20.98
C ASN B 93 12.86 -30.38 -20.52
N GLU B 94 13.31 -30.64 -19.30
CA GLU B 94 13.30 -32.00 -18.79
C GLU B 94 12.12 -32.34 -17.89
N SER B 95 11.26 -31.36 -17.63
CA SER B 95 10.10 -31.58 -16.78
C SER B 95 9.07 -32.46 -17.48
N LYS B 96 8.54 -33.43 -16.74
CA LYS B 96 7.55 -34.35 -17.28
C LYS B 96 6.32 -33.62 -17.80
N TYR B 97 5.92 -33.93 -19.03
CA TYR B 97 4.75 -33.33 -19.68
C TYR B 97 4.86 -31.83 -19.93
N GLY B 98 6.07 -31.28 -19.81
CA GLY B 98 6.26 -29.86 -20.03
C GLY B 98 5.79 -29.38 -21.39
N ASP B 99 5.77 -30.29 -22.36
CA ASP B 99 5.36 -29.96 -23.72
C ASP B 99 3.84 -29.97 -23.87
N GLU B 100 3.16 -30.40 -22.82
CA GLU B 100 1.70 -30.52 -22.83
C GLU B 100 1.01 -29.47 -21.97
N ILE B 101 1.69 -29.04 -20.91
CA ILE B 101 1.13 -28.09 -19.96
C ILE B 101 0.89 -26.67 -20.48
N ASN B 102 -0.20 -26.07 -20.01
CA ASN B 102 -0.55 -24.71 -20.40
C ASN B 102 -1.45 -24.07 -19.33
N THR B 103 -1.78 -22.80 -19.53
CA THR B 103 -2.61 -22.06 -18.60
C THR B 103 -3.94 -22.71 -18.25
N ASP B 104 -4.46 -23.53 -19.17
CA ASP B 104 -5.74 -24.19 -18.97
C ASP B 104 -5.72 -25.57 -18.33
N ASN B 105 -4.57 -26.24 -18.36
CA ASN B 105 -4.48 -27.59 -17.81
C ASN B 105 -3.37 -27.85 -16.80
N TRP B 106 -2.68 -26.80 -16.35
CA TRP B 106 -1.58 -27.01 -15.41
C TRP B 106 -1.91 -27.86 -14.18
N TYR B 107 -3.04 -27.59 -13.53
CA TYR B 107 -3.43 -28.34 -12.34
C TYR B 107 -3.78 -29.78 -12.64
N GLU B 108 -4.14 -30.06 -13.90
CA GLU B 108 -4.47 -31.42 -14.30
C GLU B 108 -3.15 -32.18 -14.44
N ILE B 109 -2.12 -31.50 -14.92
CA ILE B 109 -0.82 -32.16 -15.06
C ILE B 109 -0.23 -32.37 -13.66
N LEU B 110 -0.41 -31.41 -12.76
CA LEU B 110 0.11 -31.55 -11.41
C LEU B 110 -0.58 -32.68 -10.65
N ARG B 111 -1.81 -32.97 -11.05
CA ARG B 111 -2.59 -34.04 -10.43
C ARG B 111 -2.07 -35.44 -10.78
N ARG B 112 -1.33 -35.54 -11.88
CA ARG B 112 -0.80 -36.84 -12.30
C ARG B 112 0.16 -37.39 -11.25
N PRO B 113 0.03 -38.69 -10.92
CA PRO B 113 0.87 -39.35 -9.92
C PRO B 113 2.38 -39.29 -10.13
N ASP B 114 2.82 -39.22 -11.38
CA ASP B 114 4.24 -39.18 -11.68
C ASP B 114 4.84 -37.78 -11.78
N VAL B 115 4.05 -36.77 -11.41
CA VAL B 115 4.52 -35.39 -11.45
C VAL B 115 4.76 -34.87 -10.03
N ARG B 116 5.94 -34.29 -9.81
CA ARG B 116 6.29 -33.74 -8.51
C ARG B 116 6.47 -32.23 -8.63
N TYR B 117 6.01 -31.47 -7.62
CA TYR B 117 6.15 -30.02 -7.65
C TYR B 117 6.73 -29.48 -6.36
N GLY B 118 7.30 -28.28 -6.43
CA GLY B 118 7.87 -27.71 -5.25
C GLY B 118 7.30 -26.34 -4.91
N PHE B 119 7.34 -26.01 -3.63
CA PHE B 119 6.91 -24.70 -3.14
C PHE B 119 7.60 -24.52 -1.81
N SER B 120 7.70 -23.27 -1.36
CA SER B 120 8.39 -23.01 -0.11
C SER B 120 7.47 -23.02 1.10
N ASN B 121 8.10 -22.87 2.27
CA ASN B 121 7.42 -22.92 3.56
C ASN B 121 6.55 -21.68 3.83
N PRO B 122 5.22 -21.87 3.95
CA PRO B 122 4.29 -20.76 4.20
C PRO B 122 4.58 -20.01 5.51
N ASN B 123 5.25 -20.67 6.45
CA ASN B 123 5.57 -20.01 7.73
C ASN B 123 6.77 -19.08 7.61
N ASP B 124 7.57 -19.26 6.56
CA ASP B 124 8.79 -18.47 6.39
C ASP B 124 8.85 -17.57 5.18
N ASP B 125 8.10 -17.92 4.14
CA ASP B 125 8.26 -17.25 2.86
C ASP B 125 6.98 -16.86 2.11
N PRO B 126 6.85 -15.58 1.70
CA PRO B 126 5.64 -15.20 0.96
C PRO B 126 5.40 -16.10 -0.25
N ALA B 127 6.47 -16.46 -0.97
CA ALA B 127 6.30 -17.32 -2.15
C ALA B 127 5.64 -18.63 -1.72
N GLY B 128 5.92 -19.05 -0.48
CA GLY B 128 5.35 -20.27 0.06
C GLY B 128 3.87 -20.10 0.35
N TYR B 129 3.50 -19.08 1.12
CA TYR B 129 2.08 -18.94 1.37
C TYR B 129 1.31 -18.56 0.10
N ARG B 130 1.99 -17.90 -0.84
CA ARG B 130 1.34 -17.53 -2.11
C ARG B 130 1.08 -18.78 -2.97
N SER B 131 1.93 -19.80 -2.87
CA SER B 131 1.68 -20.99 -3.67
C SER B 131 0.33 -21.58 -3.27
N GLN B 132 0.01 -21.48 -1.98
CA GLN B 132 -1.24 -22.01 -1.46
C GLN B 132 -2.41 -21.12 -1.86
N MET B 133 -2.19 -19.80 -1.79
CA MET B 133 -3.23 -18.84 -2.14
C MET B 133 -3.64 -19.02 -3.59
N VAL B 134 -2.65 -19.09 -4.48
CA VAL B 134 -2.88 -19.26 -5.91
C VAL B 134 -3.66 -20.54 -6.21
N THR B 135 -3.25 -21.65 -5.60
CA THR B 135 -3.91 -22.92 -5.86
C THR B 135 -5.34 -22.97 -5.34
N GLN B 136 -5.62 -22.30 -4.23
CA GLN B 136 -6.98 -22.28 -3.70
C GLN B 136 -7.85 -21.35 -4.56
N LEU B 137 -7.30 -20.22 -4.98
CA LEU B 137 -8.04 -19.28 -5.82
C LEU B 137 -8.39 -19.94 -7.15
N ALA B 138 -7.59 -20.91 -7.55
CA ALA B 138 -7.81 -21.62 -8.81
C ALA B 138 -9.10 -22.41 -8.81
N GLU B 139 -9.58 -22.82 -7.64
CA GLU B 139 -10.81 -23.60 -7.57
C GLU B 139 -12.01 -22.85 -8.16
N SER B 140 -12.19 -21.60 -7.74
CA SER B 140 -13.30 -20.81 -8.27
C SER B 140 -13.10 -20.45 -9.73
N TYR B 141 -11.88 -20.05 -10.10
CA TYR B 141 -11.60 -19.67 -11.48
C TYR B 141 -11.85 -20.78 -12.49
N TYR B 142 -11.42 -22.00 -12.17
CA TYR B 142 -11.60 -23.12 -13.08
C TYR B 142 -12.83 -23.95 -12.78
N ASN B 143 -13.60 -23.53 -11.78
CA ASN B 143 -14.80 -24.23 -11.37
C ASN B 143 -14.54 -25.69 -11.03
N ASP B 144 -13.48 -25.92 -10.24
CA ASP B 144 -13.08 -27.25 -9.81
C ASP B 144 -12.75 -27.13 -8.32
N ASP B 145 -13.69 -27.50 -7.45
CA ASP B 145 -13.46 -27.38 -6.02
C ASP B 145 -12.53 -28.38 -5.36
N MET B 146 -11.82 -29.19 -6.16
CA MET B 146 -10.90 -30.16 -5.56
C MET B 146 -9.44 -29.91 -5.92
N ILE B 147 -9.14 -28.83 -6.63
CA ILE B 147 -7.77 -28.56 -7.01
C ILE B 147 -6.84 -28.42 -5.81
N TYR B 148 -7.22 -27.58 -4.86
CA TYR B 148 -6.40 -27.37 -3.67
C TYR B 148 -6.39 -28.62 -2.78
N ASP B 149 -7.54 -29.27 -2.66
CA ASP B 149 -7.65 -30.48 -1.86
C ASP B 149 -6.74 -31.58 -2.40
N ASP B 150 -6.79 -31.78 -3.72
CA ASP B 150 -5.99 -32.83 -4.36
C ASP B 150 -4.49 -32.58 -4.36
N LEU B 151 -4.11 -31.35 -4.65
CA LEU B 151 -2.69 -31.01 -4.75
C LEU B 151 -1.97 -30.70 -3.46
N MET B 152 -2.62 -29.94 -2.59
CA MET B 152 -2.01 -29.51 -1.35
C MET B 152 -2.48 -30.16 -0.06
N LEU B 153 -3.78 -30.10 0.23
CA LEU B 153 -4.28 -30.69 1.47
C LEU B 153 -4.00 -32.20 1.59
N ALA B 154 -4.29 -32.94 0.54
CA ALA B 154 -4.09 -34.39 0.58
C ALA B 154 -2.64 -34.79 0.81
N ASN B 155 -1.72 -33.91 0.47
CA ASN B 155 -0.30 -34.19 0.56
C ASN B 155 0.50 -33.45 1.63
N THR B 156 -0.19 -32.84 2.59
CA THR B 156 0.52 -32.13 3.66
C THR B 156 -0.36 -32.16 4.91
N GLY B 157 0.16 -31.57 5.98
CA GLY B 157 -0.57 -31.49 7.23
C GLY B 157 -1.38 -30.20 7.32
N MET B 158 -1.39 -29.41 6.26
CA MET B 158 -2.16 -28.18 6.27
C MET B 158 -3.64 -28.52 6.25
N THR B 159 -4.47 -27.59 6.73
CA THR B 159 -5.91 -27.78 6.74
C THR B 159 -6.53 -26.49 6.26
N LEU B 160 -7.81 -26.54 5.88
CA LEU B 160 -8.51 -25.37 5.41
C LEU B 160 -9.90 -25.32 6.01
N THR B 161 -10.29 -24.13 6.46
CA THR B 161 -11.61 -23.92 7.03
C THR B 161 -12.23 -22.72 6.32
N THR B 162 -13.56 -22.67 6.29
CA THR B 162 -14.24 -21.56 5.64
C THR B 162 -14.77 -20.61 6.70
N GLU B 163 -14.35 -19.35 6.63
CA GLU B 163 -14.77 -18.36 7.60
C GLU B 163 -16.21 -17.92 7.38
N GLU B 164 -16.78 -17.28 8.39
CA GLU B 164 -18.17 -16.82 8.33
C GLU B 164 -18.47 -16.01 7.08
N ASN B 165 -17.56 -15.14 6.69
CA ASN B 165 -17.75 -14.30 5.51
C ASN B 165 -17.44 -15.00 4.20
N GLY B 166 -17.15 -16.29 4.26
CA GLY B 166 -16.87 -17.06 3.06
C GLY B 166 -15.41 -17.11 2.62
N THR B 167 -14.53 -16.48 3.38
CA THR B 167 -13.11 -16.47 3.04
C THR B 167 -12.51 -17.84 3.40
N ALA B 168 -11.63 -18.33 2.55
CA ALA B 168 -10.98 -19.60 2.83
C ALA B 168 -9.77 -19.28 3.70
N LEU B 169 -9.62 -20.02 4.79
CA LEU B 169 -8.50 -19.82 5.70
C LEU B 169 -7.66 -21.10 5.74
N ILE B 170 -6.42 -20.99 5.27
CA ILE B 170 -5.49 -22.12 5.26
C ILE B 170 -4.64 -22.08 6.53
N HIS B 171 -4.66 -23.18 7.27
CA HIS B 171 -3.92 -23.30 8.53
C HIS B 171 -2.63 -24.07 8.33
N VAL B 172 -1.51 -23.43 8.64
CA VAL B 172 -0.19 -24.05 8.49
C VAL B 172 0.32 -24.50 9.85
N PRO B 173 0.69 -25.77 9.99
CA PRO B 173 1.19 -26.26 11.27
C PRO B 173 2.67 -25.90 11.43
N ALA B 174 3.27 -26.30 12.55
CA ALA B 174 4.67 -26.04 12.79
C ALA B 174 5.41 -26.59 11.57
N SER B 175 6.47 -25.92 11.17
CA SER B 175 7.21 -26.33 9.99
C SER B 175 7.52 -27.83 9.98
N GLU B 176 7.83 -28.40 11.14
CA GLU B 176 8.14 -29.83 11.23
C GLU B 176 6.92 -30.75 11.09
N GLU B 177 5.72 -30.16 11.11
CA GLU B 177 4.49 -30.94 10.99
C GLU B 177 3.80 -30.77 9.63
N ILE B 178 4.42 -30.01 8.73
CA ILE B 178 3.83 -29.83 7.41
C ILE B 178 3.82 -31.19 6.74
N SER B 179 4.82 -32.00 7.06
CA SER B 179 4.91 -33.38 6.58
C SER B 179 4.50 -33.62 5.13
N PRO B 180 5.22 -33.02 4.18
CA PRO B 180 4.85 -33.21 2.78
C PRO B 180 5.01 -34.66 2.30
N ASN B 181 4.10 -35.09 1.43
CA ASN B 181 4.15 -36.41 0.82
C ASN B 181 5.23 -36.20 -0.24
N THR B 182 6.45 -36.64 0.04
CA THR B 182 7.54 -36.41 -0.90
C THR B 182 7.48 -37.02 -2.28
N SER B 183 6.51 -37.90 -2.53
CA SER B 183 6.40 -38.43 -3.88
C SER B 183 5.76 -37.35 -4.75
N LYS B 184 5.08 -36.40 -4.09
CA LYS B 184 4.38 -35.33 -4.81
C LYS B 184 4.93 -33.92 -4.59
N ILE B 185 5.56 -33.71 -3.44
CA ILE B 185 6.05 -32.39 -3.07
C ILE B 185 7.47 -32.33 -2.55
N MET B 186 8.14 -31.22 -2.86
CA MET B 186 9.45 -30.94 -2.33
C MET B 186 9.27 -29.59 -1.63
N LEU B 187 9.65 -29.52 -0.36
CA LEU B 187 9.48 -28.30 0.43
C LEU B 187 10.82 -27.76 0.95
N ARG B 188 11.02 -26.46 0.83
CA ARG B 188 12.22 -25.80 1.34
C ARG B 188 11.77 -24.53 2.04
N SER B 189 12.62 -23.98 2.88
CA SER B 189 12.27 -22.76 3.62
C SER B 189 11.97 -21.57 2.71
N MET B 190 12.78 -21.36 1.69
CA MET B 190 12.51 -20.25 0.77
C MET B 190 12.54 -20.71 -0.67
N GLU B 191 11.74 -20.05 -1.50
CA GLU B 191 11.59 -20.41 -2.90
C GLU B 191 12.85 -20.58 -3.75
N VAL B 192 13.82 -19.68 -3.62
CA VAL B 192 15.04 -19.79 -4.42
C VAL B 192 15.86 -21.05 -4.12
N GLU B 193 15.61 -21.67 -2.97
CA GLU B 193 16.34 -22.89 -2.60
C GLU B 193 15.88 -24.05 -3.46
N LEU B 194 14.74 -23.89 -4.13
CA LEU B 194 14.20 -24.94 -4.98
C LEU B 194 14.62 -24.82 -6.45
N SER B 195 15.23 -23.70 -6.83
CA SER B 195 15.63 -23.52 -8.22
C SER B 195 16.56 -24.63 -8.72
N SER B 196 17.55 -24.98 -7.91
CA SER B 196 18.48 -26.04 -8.33
C SER B 196 17.75 -27.37 -8.46
N ALA B 197 16.76 -27.60 -7.61
CA ALA B 197 15.97 -28.84 -7.67
C ALA B 197 15.24 -28.95 -9.01
N LEU B 198 14.69 -27.83 -9.48
CA LEU B 198 13.97 -27.84 -10.76
C LEU B 198 14.92 -28.11 -11.92
N GLU B 199 16.07 -27.46 -11.89
CA GLU B 199 17.06 -27.60 -12.95
C GLU B 199 17.56 -29.04 -13.07
N THR B 200 17.83 -29.69 -11.95
CA THR B 200 18.32 -31.06 -11.97
C THR B 200 17.22 -32.11 -12.17
N GLY B 201 15.97 -31.69 -12.09
CA GLY B 201 14.87 -32.61 -12.29
C GLY B 201 14.34 -33.26 -11.02
N GLU B 202 14.78 -32.78 -9.86
CA GLU B 202 14.29 -33.31 -8.59
C GLU B 202 12.79 -33.07 -8.54
N ILE B 203 12.35 -31.98 -9.16
CA ILE B 203 10.94 -31.66 -9.25
C ILE B 203 10.65 -31.29 -10.69
N ASP B 204 9.38 -31.45 -11.09
CA ASP B 204 8.95 -31.15 -12.45
C ASP B 204 8.45 -29.71 -12.57
N TYR B 205 7.75 -29.24 -11.56
CA TYR B 205 7.22 -27.88 -11.56
C TYR B 205 7.51 -27.16 -10.28
N LEU B 206 7.59 -25.83 -10.36
CA LEU B 206 7.92 -25.01 -9.20
C LEU B 206 7.08 -23.74 -9.10
N TYR B 207 6.40 -23.55 -7.97
CA TYR B 207 5.62 -22.33 -7.74
C TYR B 207 6.63 -21.26 -7.35
N ILE B 208 6.79 -20.24 -8.19
CA ILE B 208 7.76 -19.21 -7.89
C ILE B 208 7.47 -17.94 -8.72
N TYR B 209 8.22 -16.88 -8.44
CA TYR B 209 8.02 -15.61 -9.15
C TYR B 209 8.53 -15.61 -10.58
N ARG B 210 7.82 -14.89 -11.44
CA ARG B 210 8.20 -14.78 -12.84
C ARG B 210 9.63 -14.23 -12.94
N SER B 211 9.97 -13.27 -12.09
CA SER B 211 11.31 -12.68 -12.12
C SER B 211 12.40 -13.73 -11.96
N VAL B 212 12.18 -14.68 -11.05
CA VAL B 212 13.17 -15.73 -10.82
C VAL B 212 13.25 -16.67 -12.01
N ALA B 213 12.10 -17.00 -12.59
CA ALA B 213 12.07 -17.89 -13.76
C ALA B 213 12.88 -17.22 -14.86
N GLU B 214 12.67 -15.92 -15.05
CA GLU B 214 13.37 -15.16 -16.08
C GLU B 214 14.87 -15.12 -15.82
N GLN B 215 15.25 -14.96 -14.56
CA GLN B 215 16.66 -14.91 -14.19
C GLN B 215 17.38 -16.23 -14.47
N HIS B 216 16.72 -17.34 -14.19
CA HIS B 216 17.31 -18.68 -14.41
C HIS B 216 17.04 -19.26 -15.79
N GLY B 217 16.22 -18.59 -16.59
CA GLY B 217 15.91 -19.10 -17.91
C GLY B 217 14.94 -20.25 -17.89
N PHE B 218 14.14 -20.36 -16.82
CA PHE B 218 13.15 -21.43 -16.74
C PHE B 218 11.97 -21.13 -17.64
N GLU B 219 11.31 -22.19 -18.11
CA GLU B 219 10.11 -22.05 -18.90
C GLU B 219 9.09 -21.81 -17.80
N TYR B 220 7.88 -21.36 -18.16
CA TYR B 220 6.87 -21.17 -17.13
C TYR B 220 5.48 -21.01 -17.69
N VAL B 221 4.50 -21.39 -16.88
CA VAL B 221 3.11 -21.28 -17.26
C VAL B 221 2.57 -20.01 -16.62
N ALA B 222 2.03 -19.13 -17.45
CA ALA B 222 1.45 -17.89 -16.94
C ALA B 222 0.08 -18.28 -16.41
N LEU B 223 -0.21 -17.86 -15.18
CA LEU B 223 -1.49 -18.18 -14.56
C LEU B 223 -2.47 -17.02 -14.76
N PRO B 224 -3.77 -17.30 -14.66
CA PRO B 224 -4.76 -16.22 -14.83
C PRO B 224 -4.55 -15.07 -13.85
N PRO B 225 -4.71 -13.82 -14.32
CA PRO B 225 -4.54 -12.64 -13.47
C PRO B 225 -5.43 -12.73 -12.24
N ALA B 226 -6.57 -13.39 -12.39
CA ALA B 226 -7.51 -13.54 -11.30
C ALA B 226 -6.95 -14.35 -10.12
N ILE B 227 -5.88 -15.10 -10.34
CA ILE B 227 -5.31 -15.92 -9.28
C ILE B 227 -3.81 -15.78 -9.06
N ASP B 228 -3.10 -15.11 -9.96
CA ASP B 228 -1.64 -15.04 -9.84
C ASP B 228 -1.04 -13.90 -9.01
N LEU B 229 -1.90 -13.17 -8.30
CA LEU B 229 -1.47 -12.08 -7.42
C LEU B 229 -0.64 -10.99 -8.08
N SER B 230 -0.83 -10.82 -9.38
CA SER B 230 -0.06 -9.83 -10.12
C SER B 230 -0.76 -8.51 -10.42
N SER B 231 -2.08 -8.47 -10.25
CA SER B 231 -2.82 -7.27 -10.60
C SER B 231 -3.64 -6.60 -9.49
N LEU B 232 -3.45 -5.28 -9.36
CA LEU B 232 -4.19 -4.50 -8.36
C LEU B 232 -5.68 -4.60 -8.67
N GLU B 233 -6.00 -4.80 -9.94
CA GLU B 233 -7.37 -4.92 -10.41
C GLU B 233 -8.13 -6.11 -9.81
N TYR B 234 -7.41 -7.15 -9.40
CA TYR B 234 -8.07 -8.32 -8.82
C TYR B 234 -7.88 -8.45 -7.32
N ALA B 235 -7.51 -7.34 -6.66
CA ALA B 235 -7.29 -7.37 -5.22
C ALA B 235 -8.46 -7.95 -4.44
N ASP B 236 -9.70 -7.61 -4.82
CA ASP B 236 -10.86 -8.14 -4.11
C ASP B 236 -10.94 -9.66 -4.22
N ASN B 237 -10.59 -10.19 -5.38
CA ASN B 237 -10.64 -11.64 -5.56
C ASN B 237 -9.53 -12.32 -4.76
N TYR B 238 -8.32 -11.74 -4.80
CA TYR B 238 -7.20 -12.32 -4.05
C TYR B 238 -7.50 -12.40 -2.56
N SER B 239 -8.20 -11.41 -2.03
CA SER B 239 -8.50 -11.37 -0.61
C SER B 239 -9.44 -12.47 -0.13
N LYS B 240 -9.97 -13.27 -1.05
CA LYS B 240 -10.87 -14.35 -0.68
C LYS B 240 -10.14 -15.55 -0.06
N VAL B 241 -8.82 -15.46 0.05
CA VAL B 241 -8.05 -16.53 0.67
C VAL B 241 -7.04 -15.92 1.63
N GLN B 242 -6.90 -16.53 2.80
CA GLN B 242 -5.94 -16.10 3.81
C GLN B 242 -5.16 -17.32 4.28
N VAL B 243 -3.96 -17.10 4.79
CA VAL B 243 -3.14 -18.18 5.32
C VAL B 243 -2.73 -17.82 6.75
N GLU B 244 -2.94 -18.76 7.65
CA GLU B 244 -2.60 -18.57 9.06
C GLU B 244 -1.32 -19.34 9.36
N MET B 245 -0.27 -18.62 9.72
CA MET B 245 1.00 -19.27 10.05
C MET B 245 0.87 -19.94 11.41
N VAL B 246 1.82 -20.82 11.73
CA VAL B 246 1.75 -21.53 12.98
C VAL B 246 1.75 -20.59 14.19
N ASN B 247 2.37 -19.41 14.04
CA ASN B 247 2.42 -18.46 15.15
C ASN B 247 1.17 -17.59 15.27
N GLY B 248 0.14 -17.91 14.49
CA GLY B 248 -1.09 -17.16 14.55
C GLY B 248 -1.20 -15.98 13.60
N GLU B 249 -0.10 -15.56 13.00
CA GLU B 249 -0.15 -14.44 12.06
C GLU B 249 -0.93 -14.84 10.82
N VAL B 250 -1.84 -13.97 10.39
CA VAL B 250 -2.64 -14.25 9.20
C VAL B 250 -2.27 -13.29 8.06
N VAL B 251 -1.94 -13.85 6.91
CA VAL B 251 -1.60 -13.06 5.74
C VAL B 251 -2.74 -13.25 4.75
N THR B 252 -3.04 -12.20 3.99
CA THR B 252 -4.15 -12.20 3.05
C THR B 252 -3.73 -12.13 1.58
N GLY B 253 -4.46 -12.84 0.72
CA GLY B 253 -4.17 -12.80 -0.69
C GLY B 253 -4.23 -11.36 -1.15
N SER B 254 -3.18 -10.92 -1.83
CA SER B 254 -3.09 -9.55 -2.29
C SER B 254 -2.06 -9.44 -3.40
N PRO B 255 -2.10 -8.33 -4.16
CA PRO B 255 -1.14 -8.14 -5.24
C PRO B 255 0.26 -8.16 -4.66
N ILE B 256 1.19 -8.82 -5.33
CA ILE B 256 2.55 -8.89 -4.84
C ILE B 256 3.23 -7.53 -4.89
N VAL B 257 3.55 -7.00 -3.71
CA VAL B 257 4.22 -5.71 -3.61
C VAL B 257 5.36 -5.81 -2.62
N TYR B 258 6.57 -5.55 -3.10
CA TYR B 258 7.76 -5.58 -2.27
C TYR B 258 7.88 -4.33 -1.40
N GLY B 259 8.39 -4.50 -0.19
CA GLY B 259 8.56 -3.37 0.70
C GLY B 259 9.97 -3.30 1.28
N VAL B 260 10.40 -2.11 1.67
CA VAL B 260 11.72 -1.94 2.24
C VAL B 260 11.67 -0.88 3.33
N THR B 261 12.50 -1.05 4.35
CA THR B 261 12.56 -0.07 5.43
C THR B 261 13.93 -0.11 6.08
N ILE B 262 14.21 0.91 6.88
CA ILE B 262 15.45 0.97 7.62
C ILE B 262 15.02 0.80 9.06
N PRO B 263 15.34 -0.36 9.67
CA PRO B 263 14.96 -0.63 11.06
C PRO B 263 15.36 0.52 11.97
N ASN B 264 14.52 0.85 12.94
CA ASN B 264 14.84 1.96 13.83
C ASN B 264 15.86 1.61 14.91
N ASN B 265 16.42 0.41 14.85
CA ASN B 265 17.45 0.01 15.81
C ASN B 265 18.69 -0.32 15.00
N ALA B 266 18.71 0.12 13.74
CA ALA B 266 19.82 -0.10 12.84
C ALA B 266 21.08 0.52 13.44
N GLU B 267 22.23 -0.10 13.17
CA GLU B 267 23.50 0.41 13.71
C GLU B 267 24.15 1.44 12.79
N ASN B 268 23.78 1.43 11.51
CA ASN B 268 24.33 2.38 10.56
C ASN B 268 23.22 2.94 9.67
N SER B 269 22.23 3.59 10.30
CA SER B 269 21.10 4.16 9.58
C SER B 269 21.49 5.18 8.52
N GLU B 270 22.57 5.92 8.77
CA GLU B 270 23.03 6.92 7.84
C GLU B 270 23.47 6.30 6.51
N LEU B 271 24.18 5.19 6.58
CA LEU B 271 24.63 4.52 5.37
C LEU B 271 23.45 3.81 4.69
N ALA B 272 22.53 3.28 5.49
CA ALA B 272 21.36 2.58 4.95
C ALA B 272 20.53 3.50 4.05
N THR B 273 20.50 4.79 4.39
CA THR B 273 19.77 5.76 3.60
C THR B 273 20.32 5.84 2.18
N GLU B 274 21.64 5.84 2.05
CA GLU B 274 22.25 5.90 0.73
C GLU B 274 21.98 4.62 -0.06
N PHE B 275 21.96 3.50 0.64
CA PHE B 275 21.69 2.22 -0.02
C PHE B 275 20.26 2.23 -0.57
N VAL B 276 19.31 2.62 0.29
CA VAL B 276 17.91 2.67 -0.11
C VAL B 276 17.72 3.67 -1.25
N ALA B 277 18.43 4.79 -1.18
CA ALA B 277 18.32 5.79 -2.24
C ALA B 277 18.78 5.18 -3.55
N LEU B 278 19.84 4.35 -3.49
CA LEU B 278 20.36 3.70 -4.68
C LEU B 278 19.31 2.69 -5.18
N LEU B 279 18.72 1.98 -4.24
CA LEU B 279 17.69 0.99 -4.57
C LEU B 279 16.50 1.60 -5.30
N LEU B 280 15.98 2.67 -4.73
CA LEU B 280 14.81 3.35 -5.30
C LEU B 280 15.12 4.22 -6.53
N GLY B 281 16.37 4.66 -6.64
CA GLY B 281 16.78 5.51 -7.75
C GLY B 281 16.85 4.82 -9.10
N GLU B 282 17.27 5.58 -10.12
CA GLU B 282 17.36 5.06 -11.47
C GLU B 282 18.34 3.90 -11.58
N THR B 283 19.34 3.85 -10.71
CA THR B 283 20.32 2.77 -10.73
C THR B 283 19.64 1.46 -10.37
N GLY B 284 18.89 1.48 -9.27
CA GLY B 284 18.18 0.28 -8.84
C GLY B 284 17.12 -0.11 -9.84
N GLN B 285 16.51 0.89 -10.47
CA GLN B 285 15.48 0.64 -11.46
C GLN B 285 16.03 -0.13 -12.66
N GLN B 286 17.22 0.23 -13.12
CA GLN B 286 17.80 -0.44 -14.27
C GLN B 286 18.19 -1.88 -13.91
N ILE B 287 18.68 -2.06 -12.70
CA ILE B 287 19.07 -3.37 -12.20
C ILE B 287 17.87 -4.32 -12.19
N PHE B 288 16.74 -3.83 -11.71
CA PHE B 288 15.53 -4.65 -11.66
C PHE B 288 14.99 -4.94 -13.05
N ILE B 289 15.05 -3.95 -13.93
CA ILE B 289 14.56 -4.13 -15.29
C ILE B 289 15.41 -5.16 -16.03
N GLU B 290 16.73 -5.06 -15.85
CA GLU B 290 17.65 -5.98 -16.51
C GLU B 290 17.55 -7.39 -15.99
N ASN B 291 17.03 -7.55 -14.76
CA ASN B 291 16.90 -8.88 -14.17
C ASN B 291 15.48 -9.44 -14.10
N GLY B 292 14.73 -9.26 -15.18
CA GLY B 292 13.38 -9.77 -15.28
C GLY B 292 12.30 -9.30 -14.30
N GLN B 293 12.51 -8.15 -13.69
CA GLN B 293 11.52 -7.61 -12.75
C GLN B 293 11.35 -6.10 -12.96
N PRO B 294 10.84 -5.71 -14.14
CA PRO B 294 10.62 -4.31 -14.51
C PRO B 294 9.44 -3.64 -13.80
N PRO B 295 9.53 -2.32 -13.56
CA PRO B 295 8.43 -1.61 -12.89
C PRO B 295 7.15 -1.69 -13.72
N ILE B 296 6.03 -1.97 -13.06
CA ILE B 296 4.76 -2.08 -13.74
C ILE B 296 3.67 -1.33 -12.96
MG MG C . -28.86 6.73 1.85
MG MG D . 11.86 28.14 0.13
W WO4 E . -5.85 17.15 0.61
O1 WO4 E . -5.49 19.10 -0.14
O2 WO4 E . -6.89 15.47 1.32
O3 WO4 E . -4.49 17.21 2.23
O4 WO4 E . -4.93 16.40 -0.87
C1 GOL F . -14.18 23.58 -6.73
O1 GOL F . -13.11 22.93 -7.44
C2 GOL F . -15.30 24.10 -7.73
O2 GOL F . -16.54 23.46 -7.40
C3 GOL F . -14.96 23.77 -9.22
O3 GOL F . -15.78 24.48 -10.14
MG MG G . -11.32 -27.36 -2.70
MG MG H . 29.89 -7.32 0.90
W WO4 I . 10.51 -14.84 -0.77
O1 WO4 I . 11.19 -13.62 -2.25
O2 WO4 I . 8.51 -14.78 -1.17
O3 WO4 I . 10.78 -13.76 0.83
O4 WO4 I . 12.48 -15.72 -0.22
C1 GOL J . 8.83 -38.72 -14.21
O1 GOL J . 7.83 -37.70 -14.38
C2 GOL J . 10.28 -38.09 -14.21
O2 GOL J . 10.90 -38.40 -12.93
C3 GOL J . 10.25 -36.54 -14.39
O3 GOL J . 11.39 -35.87 -13.84
C1 GOL K . 20.01 -21.54 -13.72
O1 GOL K . 19.82 -22.20 -12.46
C2 GOL K . 20.84 -20.20 -13.54
O2 GOL K . 22.04 -20.31 -14.32
C3 GOL K . 21.24 -19.95 -12.06
O3 GOL K . 21.83 -18.67 -11.85
C1 GOL L . 28.92 8.15 2.91
O1 GOL L . 28.96 9.56 2.63
C2 GOL L . 29.67 7.33 1.78
O2 GOL L . 30.75 6.59 2.38
C3 GOL L . 30.25 8.25 0.66
O3 GOL L . 31.07 7.55 -0.27
#